data_1CR9
#
_entry.id   1CR9
#
_cell.length_a   98.900
_cell.length_b   77.600
_cell.length_c   70.600
_cell.angle_alpha   90.00
_cell.angle_beta   110.56
_cell.angle_gamma   90.00
#
_symmetry.space_group_name_H-M   'C 1 2 1'
#
loop_
_entity.id
_entity.type
_entity.pdbx_description
1 polymer 'FAB ANTIBODY LIGHT CHAIN'
2 polymer 'FAB ANTIBODY HEAVY CHAIN'
3 water water
#
loop_
_entity_poly.entity_id
_entity_poly.type
_entity_poly.pdbx_seq_one_letter_code
_entity_poly.pdbx_strand_id
1 'polypeptide(L)'
;DVVMTQTPLSLSVTIGQPASISCKSSQSLLDSDGKTYLIWVFQRPGQSPKRLIFLVSKRDSGVPDRFTGSGSGTDFTLKI
SRVEAEDVGVYYCWQGTHFPHTVGGGTKLEIARADAAPTVSIFPPSSEQLTSGGASVVCFLNNFYPKDINVKWKIDGSER
QNGVLNSWTDQDSKDSTYSMSSTLTLTKDEYERHNSYTCEATHKTSTSPIVKSFNRNEC
;
L
2 'polypeptide(L)'
;KVKLQQSGAELVRSGASVKLSCTASGFNIKDYYIQWVKQRPEQGLEWIGWIDPENGNSEYAPRFQGKATMTADTLSNTAY
LQLSSLTSEDTAVYYCNADLHDYWGQGTTLTVSSAKTTAPSVYPLAPVCGDTTGSSVTLGCLVKGYFPEPVTLTWNSGSL
SSGVHTFPAVLQSDLYTLSSSVTVTSSTWPSQSITCNVAHPASSTKVDKKIEPRVTS
;
H
#
# COMPACT_ATOMS: atom_id res chain seq x y z
N ASP A 1 -11.32 -27.32 8.45
CA ASP A 1 -11.53 -25.91 8.01
C ASP A 1 -12.29 -25.85 6.70
N VAL A 2 -13.31 -25.00 6.67
CA VAL A 2 -14.13 -24.79 5.48
C VAL A 2 -13.25 -24.00 4.53
N VAL A 3 -13.07 -24.54 3.32
CA VAL A 3 -12.25 -23.91 2.27
C VAL A 3 -13.12 -23.00 1.42
N MET A 4 -12.64 -21.79 1.15
CA MET A 4 -13.34 -20.82 0.34
C MET A 4 -12.57 -20.67 -0.97
N THR A 5 -13.21 -21.04 -2.08
CA THR A 5 -12.59 -20.98 -3.41
C THR A 5 -13.25 -19.88 -4.27
N GLN A 6 -12.42 -18.94 -4.71
CA GLN A 6 -12.90 -17.82 -5.51
C GLN A 6 -12.47 -17.97 -6.95
N THR A 7 -13.36 -17.61 -7.86
CA THR A 7 -13.09 -17.66 -9.30
C THR A 7 -13.74 -16.44 -9.93
N PRO A 8 -13.02 -15.75 -10.84
CA PRO A 8 -11.62 -15.98 -11.19
C PRO A 8 -10.68 -15.40 -10.15
N LEU A 9 -9.39 -15.69 -10.25
CA LEU A 9 -8.44 -15.14 -9.31
C LEU A 9 -8.02 -13.74 -9.78
N SER A 10 -7.97 -13.56 -11.09
CA SER A 10 -7.62 -12.27 -11.71
C SER A 10 -8.78 -11.91 -12.60
N LEU A 11 -9.32 -10.71 -12.41
CA LEU A 11 -10.44 -10.26 -13.22
C LEU A 11 -10.14 -8.94 -13.93
N SER A 12 -10.04 -8.98 -15.25
CA SER A 12 -9.81 -7.76 -16.04
C SER A 12 -11.15 -7.35 -16.69
N VAL A 13 -11.59 -6.12 -16.46
CA VAL A 13 -12.87 -5.62 -16.93
C VAL A 13 -12.71 -4.29 -17.65
N THR A 14 -13.60 -4.01 -18.60
CA THR A 14 -13.61 -2.74 -19.33
C THR A 14 -14.59 -1.86 -18.55
N ILE A 15 -14.26 -0.58 -18.36
CA ILE A 15 -15.17 0.31 -17.64
C ILE A 15 -16.58 0.22 -18.22
N GLY A 16 -17.57 0.19 -17.34
CA GLY A 16 -18.97 0.14 -17.78
C GLY A 16 -19.51 -1.26 -17.93
N GLN A 17 -18.62 -2.25 -18.00
CA GLN A 17 -19.00 -3.65 -18.16
C GLN A 17 -19.40 -4.34 -16.85
N PRO A 18 -20.27 -5.36 -16.93
CA PRO A 18 -20.62 -6.08 -15.71
C PRO A 18 -19.49 -7.04 -15.33
N ALA A 19 -19.51 -7.54 -14.10
CA ALA A 19 -18.52 -8.50 -13.60
C ALA A 19 -19.17 -9.40 -12.57
N SER A 20 -18.60 -10.57 -12.39
CA SER A 20 -19.16 -11.55 -11.45
C SER A 20 -18.03 -12.33 -10.80
N ILE A 21 -18.04 -12.37 -9.47
CA ILE A 21 -17.04 -13.10 -8.71
C ILE A 21 -17.72 -14.26 -8.01
N SER A 22 -17.25 -15.47 -8.26
CA SER A 22 -17.82 -16.65 -7.63
C SER A 22 -17.05 -17.09 -6.40
N CYS A 23 -17.80 -17.52 -5.40
CA CYS A 23 -17.20 -17.99 -4.18
C CYS A 23 -17.85 -19.34 -3.78
N LYS A 24 -17.05 -20.39 -3.73
CA LYS A 24 -17.54 -21.72 -3.35
C LYS A 24 -16.96 -22.15 -2.01
N SER A 25 -17.79 -22.68 -1.11
CA SER A 25 -17.29 -23.18 0.18
C SER A 25 -17.32 -24.73 0.21
N SER A 26 -16.35 -25.33 0.90
CA SER A 26 -16.23 -26.79 1.02
C SER A 26 -17.35 -27.43 1.81
N GLN A 27 -18.14 -26.63 2.51
CA GLN A 27 -19.26 -27.14 3.28
C GLN A 27 -20.32 -26.07 3.24
N SER A 28 -21.54 -26.44 3.58
CA SER A 28 -22.64 -25.51 3.61
C SER A 28 -22.44 -24.42 4.67
N LEU A 29 -22.84 -23.18 4.34
CA LEU A 29 -22.72 -22.04 5.25
C LEU A 29 -24.08 -21.69 5.91
N LEU A 30 -25.07 -22.55 5.70
CA LEU A 30 -26.39 -22.36 6.30
C LEU A 30 -26.23 -22.78 7.76
N ASP A 31 -26.41 -21.81 8.63
CA ASP A 31 -26.27 -22.05 10.04
C ASP A 31 -27.61 -22.52 10.65
N SER A 32 -27.54 -23.20 11.79
CA SER A 32 -28.76 -23.68 12.47
C SER A 32 -29.76 -22.54 12.64
N ASP A 33 -29.28 -21.33 12.98
CA ASP A 33 -30.18 -20.19 13.17
C ASP A 33 -30.85 -19.66 11.89
N GLY A 34 -30.86 -20.49 10.84
CA GLY A 34 -31.45 -20.12 9.56
C GLY A 34 -30.68 -19.11 8.71
N LYS A 35 -29.71 -18.42 9.30
CA LYS A 35 -28.93 -17.42 8.59
C LYS A 35 -27.66 -18.02 7.97
N THR A 36 -27.09 -17.31 6.99
CA THR A 36 -25.87 -17.74 6.29
C THR A 36 -24.79 -16.67 6.51
N TYR A 37 -23.71 -17.04 7.18
CA TYR A 37 -22.70 -16.05 7.47
C TYR A 37 -21.61 -15.95 6.43
N LEU A 38 -21.93 -15.21 5.37
CA LEU A 38 -21.02 -14.99 4.26
C LEU A 38 -20.95 -13.50 4.02
N ILE A 39 -19.74 -12.95 4.03
CA ILE A 39 -19.55 -11.53 3.77
C ILE A 39 -18.51 -11.35 2.67
N TRP A 40 -18.58 -10.21 2.01
CA TRP A 40 -17.65 -9.85 0.95
C TRP A 40 -16.90 -8.63 1.47
N VAL A 41 -15.59 -8.73 1.41
CA VAL A 41 -14.68 -7.71 1.87
C VAL A 41 -13.85 -7.17 0.71
N PHE A 42 -13.55 -5.89 0.75
CA PHE A 42 -12.79 -5.23 -0.29
C PHE A 42 -11.55 -4.59 0.31
N GLN A 43 -10.46 -4.64 -0.41
CA GLN A 43 -9.23 -4.03 0.06
C GLN A 43 -8.45 -3.42 -1.09
N ARG A 44 -8.10 -2.15 -0.95
CA ARG A 44 -7.30 -1.47 -1.96
C ARG A 44 -5.91 -1.74 -1.40
N PRO A 45 -4.90 -1.96 -2.26
CA PRO A 45 -3.58 -2.38 -1.73
C PRO A 45 -3.02 -1.34 -0.73
N GLY A 46 -2.50 -1.81 0.40
CA GLY A 46 -1.94 -0.91 1.41
C GLY A 46 -2.94 -0.10 2.25
N GLN A 47 -4.09 -0.69 2.54
CA GLN A 47 -5.11 -0.01 3.32
C GLN A 47 -5.88 -1.06 4.06
N SER A 48 -6.66 -0.63 5.04
CA SER A 48 -7.46 -1.55 5.82
C SER A 48 -8.60 -2.05 4.95
N PRO A 49 -8.95 -3.35 5.10
CA PRO A 49 -10.11 -3.91 4.41
C PRO A 49 -11.36 -3.16 4.82
N LYS A 50 -12.41 -3.29 4.02
CA LYS A 50 -13.68 -2.66 4.29
C LYS A 50 -14.71 -3.72 3.90
N ARG A 51 -15.81 -3.81 4.64
CA ARG A 51 -16.81 -4.81 4.30
C ARG A 51 -17.83 -4.18 3.34
N LEU A 52 -18.32 -4.99 2.39
CA LEU A 52 -19.28 -4.52 1.40
C LEU A 52 -20.65 -5.12 1.59
N ILE A 53 -20.65 -6.44 1.78
CA ILE A 53 -21.88 -7.21 1.92
C ILE A 53 -21.81 -8.15 3.12
N PHE A 54 -22.90 -8.29 3.85
CA PHE A 54 -22.95 -9.23 4.97
C PHE A 54 -24.21 -10.06 4.83
N LEU A 55 -24.24 -11.22 5.48
CA LEU A 55 -25.39 -12.11 5.40
C LEU A 55 -25.79 -12.37 3.95
N VAL A 56 -24.79 -12.69 3.13
CA VAL A 56 -24.97 -13.04 1.72
C VAL A 56 -25.38 -11.90 0.79
N SER A 57 -26.41 -11.13 1.16
CA SER A 57 -26.89 -10.08 0.28
C SER A 57 -27.16 -8.72 0.87
N LYS A 58 -26.92 -8.51 2.16
CA LYS A 58 -27.19 -7.19 2.75
C LYS A 58 -26.03 -6.24 2.54
N ARG A 59 -26.31 -5.14 1.84
CA ARG A 59 -25.31 -4.12 1.52
C ARG A 59 -25.01 -3.24 2.72
N ASP A 60 -23.74 -2.98 2.96
CA ASP A 60 -23.33 -2.11 4.05
C ASP A 60 -23.65 -0.69 3.66
N SER A 61 -23.68 0.21 4.64
CA SER A 61 -23.98 1.62 4.40
C SER A 61 -22.92 2.23 3.49
N GLY A 62 -23.36 3.00 2.50
CA GLY A 62 -22.41 3.63 1.61
C GLY A 62 -21.95 2.79 0.43
N VAL A 63 -22.17 1.49 0.47
CA VAL A 63 -21.76 0.62 -0.62
C VAL A 63 -22.76 0.82 -1.77
N PRO A 64 -22.28 1.24 -2.97
CA PRO A 64 -23.12 1.57 -4.15
C PRO A 64 -24.04 0.40 -4.52
N ASP A 65 -25.25 0.68 -4.98
CA ASP A 65 -26.10 -0.45 -5.34
C ASP A 65 -25.75 -1.14 -6.66
N ARG A 66 -24.53 -0.92 -7.14
CA ARG A 66 -24.06 -1.59 -8.36
C ARG A 66 -23.60 -2.99 -7.93
N PHE A 67 -23.37 -3.14 -6.62
CA PHE A 67 -22.93 -4.39 -6.00
C PHE A 67 -24.08 -5.23 -5.46
N THR A 68 -24.15 -6.49 -5.89
CA THR A 68 -25.18 -7.43 -5.46
C THR A 68 -24.58 -8.75 -5.00
N GLY A 69 -24.92 -9.18 -3.80
CA GLY A 69 -24.43 -10.45 -3.32
C GLY A 69 -25.63 -11.36 -3.37
N SER A 70 -25.42 -12.64 -3.70
CA SER A 70 -26.51 -13.61 -3.70
C SER A 70 -25.96 -15.03 -3.60
N GLY A 71 -26.85 -15.99 -3.38
CA GLY A 71 -26.43 -17.38 -3.30
C GLY A 71 -26.97 -18.07 -2.06
N SER A 72 -26.65 -19.35 -1.92
CA SER A 72 -27.07 -20.13 -0.76
C SER A 72 -26.28 -21.44 -0.74
N GLY A 73 -26.19 -22.04 0.46
CA GLY A 73 -25.48 -23.31 0.65
C GLY A 73 -23.99 -23.27 0.46
N THR A 74 -23.51 -23.62 -0.74
CA THR A 74 -22.08 -23.58 -1.01
C THR A 74 -21.72 -22.64 -2.17
N ASP A 75 -22.72 -22.01 -2.78
CA ASP A 75 -22.46 -21.13 -3.91
C ASP A 75 -22.91 -19.71 -3.80
N PHE A 76 -21.93 -18.80 -3.81
CA PHE A 76 -22.23 -17.39 -3.68
C PHE A 76 -21.61 -16.58 -4.80
N THR A 77 -22.25 -15.48 -5.13
CA THR A 77 -21.80 -14.62 -6.21
C THR A 77 -21.89 -13.15 -5.81
N LEU A 78 -20.89 -12.39 -6.24
CA LEU A 78 -20.89 -10.95 -6.04
C LEU A 78 -20.88 -10.41 -7.48
N LYS A 79 -21.91 -9.64 -7.83
CA LYS A 79 -22.03 -9.04 -9.16
C LYS A 79 -21.93 -7.54 -9.10
N ILE A 80 -21.23 -6.98 -10.09
CA ILE A 80 -21.05 -5.55 -10.23
C ILE A 80 -21.76 -5.30 -11.55
N SER A 81 -22.89 -4.62 -11.48
CA SER A 81 -23.70 -4.34 -12.66
C SER A 81 -22.96 -3.50 -13.70
N ARG A 82 -22.07 -2.64 -13.24
CA ARG A 82 -21.31 -1.78 -14.09
C ARG A 82 -20.06 -1.34 -13.30
N VAL A 83 -18.90 -1.76 -13.78
CA VAL A 83 -17.63 -1.45 -13.13
C VAL A 83 -17.16 -0.02 -13.36
N GLU A 84 -16.72 0.64 -12.29
CA GLU A 84 -16.23 2.00 -12.36
C GLU A 84 -14.76 2.00 -11.95
N ALA A 85 -14.06 3.08 -12.23
CA ALA A 85 -12.63 3.19 -11.92
C ALA A 85 -12.22 2.84 -10.49
N GLU A 86 -12.99 3.34 -9.50
CA GLU A 86 -12.70 3.11 -8.08
C GLU A 86 -12.87 1.68 -7.62
N ASP A 87 -13.42 0.80 -8.45
CA ASP A 87 -13.62 -0.58 -8.03
C ASP A 87 -12.35 -1.43 -8.01
N VAL A 88 -11.22 -0.89 -8.49
CA VAL A 88 -9.97 -1.66 -8.51
C VAL A 88 -9.47 -2.02 -7.11
N GLY A 89 -9.11 -3.28 -6.94
CA GLY A 89 -8.65 -3.73 -5.65
C GLY A 89 -8.93 -5.21 -5.55
N VAL A 90 -8.81 -5.74 -4.34
CA VAL A 90 -9.02 -7.14 -4.10
C VAL A 90 -10.32 -7.39 -3.34
N TYR A 91 -11.06 -8.38 -3.81
CA TYR A 91 -12.33 -8.80 -3.22
C TYR A 91 -12.17 -10.18 -2.58
N TYR A 92 -12.66 -10.35 -1.36
CA TYR A 92 -12.58 -11.63 -0.66
C TYR A 92 -13.94 -12.04 -0.15
N CYS A 93 -14.27 -13.32 -0.19
CA CYS A 93 -15.51 -13.77 0.43
C CYS A 93 -14.98 -14.39 1.72
N TRP A 94 -15.74 -14.27 2.78
CA TRP A 94 -15.27 -14.70 4.09
C TRP A 94 -16.46 -15.31 4.85
N GLN A 95 -16.26 -16.50 5.41
CA GLN A 95 -17.35 -17.15 6.14
C GLN A 95 -17.17 -17.18 7.66
N GLY A 96 -18.28 -16.93 8.35
CA GLY A 96 -18.28 -16.93 9.78
C GLY A 96 -19.22 -17.96 10.39
N THR A 97 -19.79 -18.83 9.57
CA THR A 97 -20.72 -19.85 10.07
C THR A 97 -19.99 -20.97 10.85
N HIS A 98 -18.84 -21.39 10.35
CA HIS A 98 -18.09 -22.47 11.01
C HIS A 98 -16.80 -21.96 11.67
N PHE A 99 -16.38 -22.63 12.73
CA PHE A 99 -15.13 -22.31 13.41
C PHE A 99 -14.05 -23.24 12.84
N PRO A 100 -12.85 -22.70 12.52
CA PRO A 100 -12.48 -21.27 12.48
C PRO A 100 -13.07 -20.50 11.27
N HIS A 101 -13.29 -19.20 11.43
CA HIS A 101 -13.81 -18.39 10.32
C HIS A 101 -12.73 -18.44 9.24
N THR A 102 -13.11 -18.64 7.97
CA THR A 102 -12.14 -18.73 6.88
C THR A 102 -12.38 -17.73 5.77
N VAL A 103 -11.35 -17.48 4.96
CA VAL A 103 -11.43 -16.47 3.90
C VAL A 103 -10.95 -17.02 2.57
N GLY A 104 -11.54 -16.51 1.49
CA GLY A 104 -11.15 -16.92 0.16
C GLY A 104 -9.81 -16.31 -0.23
N GLY A 105 -9.18 -16.85 -1.26
CA GLY A 105 -7.89 -16.35 -1.69
C GLY A 105 -7.85 -14.96 -2.25
N GLY A 106 -9.01 -14.42 -2.59
CA GLY A 106 -9.09 -13.08 -3.15
C GLY A 106 -9.15 -13.06 -4.67
N THR A 107 -9.85 -12.09 -5.20
CA THR A 107 -9.98 -11.90 -6.64
C THR A 107 -9.50 -10.48 -6.89
N LYS A 108 -8.43 -10.32 -7.65
CA LYS A 108 -7.95 -8.98 -7.93
C LYS A 108 -8.63 -8.41 -9.18
N LEU A 109 -9.31 -7.28 -9.04
CA LEU A 109 -9.99 -6.69 -10.19
C LEU A 109 -9.16 -5.55 -10.80
N GLU A 110 -8.96 -5.58 -12.11
CA GLU A 110 -8.25 -4.50 -12.79
C GLU A 110 -8.99 -4.04 -14.01
N ILE A 111 -8.93 -2.75 -14.27
CA ILE A 111 -9.61 -2.13 -15.41
C ILE A 111 -8.74 -2.10 -16.65
N ALA A 112 -9.31 -2.54 -17.77
CA ALA A 112 -8.63 -2.53 -19.05
C ALA A 112 -9.04 -1.17 -19.63
N ARG A 113 -8.05 -0.29 -19.70
CA ARG A 113 -8.16 1.11 -20.13
C ARG A 113 -7.63 1.32 -21.56
N ALA A 114 -7.82 2.53 -22.09
CA ALA A 114 -7.28 2.87 -23.40
C ALA A 114 -5.79 3.16 -23.15
N ASP A 115 -4.91 2.80 -24.08
CA ASP A 115 -3.48 3.03 -23.93
C ASP A 115 -3.11 4.47 -23.64
N ALA A 116 -2.09 4.68 -22.82
CA ALA A 116 -1.62 6.03 -22.49
C ALA A 116 -0.11 6.00 -22.38
N ALA A 117 0.57 6.89 -23.11
CA ALA A 117 2.03 6.93 -23.06
C ALA A 117 2.49 7.58 -21.76
N PRO A 118 3.64 7.17 -21.25
CA PRO A 118 4.12 7.81 -20.02
C PRO A 118 4.69 9.22 -20.24
N THR A 119 4.69 10.01 -19.17
CA THR A 119 5.30 11.34 -19.21
C THR A 119 6.52 11.14 -18.35
N VAL A 120 7.70 11.35 -18.90
CA VAL A 120 8.95 11.16 -18.16
C VAL A 120 9.47 12.44 -17.45
N SER A 121 9.85 12.29 -16.17
CA SER A 121 10.41 13.36 -15.32
C SER A 121 11.76 12.88 -14.78
N ILE A 122 12.73 13.78 -14.71
CA ILE A 122 14.04 13.40 -14.21
C ILE A 122 14.46 14.43 -13.17
N PHE A 123 15.10 13.95 -12.12
CA PHE A 123 15.56 14.80 -11.04
C PHE A 123 17.00 14.42 -10.73
N PRO A 124 17.95 15.30 -11.08
CA PRO A 124 19.34 15.18 -10.62
C PRO A 124 19.41 15.18 -9.08
N PRO A 125 20.51 14.62 -8.51
CA PRO A 125 20.64 14.58 -7.04
C PRO A 125 20.53 15.94 -6.33
N SER A 126 19.91 15.94 -5.16
CA SER A 126 19.81 17.19 -4.40
C SER A 126 21.19 17.57 -3.88
N SER A 127 21.42 18.86 -3.61
CA SER A 127 22.72 19.28 -3.09
C SER A 127 22.98 18.63 -1.71
N GLU A 128 21.87 18.32 -1.02
CA GLU A 128 21.91 17.69 0.30
C GLU A 128 22.49 16.29 0.25
N GLN A 129 22.02 15.47 -0.67
CA GLN A 129 22.56 14.13 -0.77
C GLN A 129 24.02 14.21 -1.17
N LEU A 130 24.34 15.11 -2.11
CA LEU A 130 25.70 15.27 -2.60
C LEU A 130 26.69 15.58 -1.47
N THR A 131 26.31 16.45 -0.54
CA THR A 131 27.19 16.81 0.58
C THR A 131 27.42 15.62 1.53
N SER A 132 26.45 14.71 1.52
CA SER A 132 26.50 13.52 2.33
C SER A 132 27.24 12.41 1.54
N GLY A 133 27.87 12.78 0.42
CA GLY A 133 28.61 11.83 -0.41
C GLY A 133 27.93 10.96 -1.48
N GLY A 134 26.60 10.87 -1.47
CA GLY A 134 25.89 10.04 -2.45
C GLY A 134 25.24 10.80 -3.60
N ALA A 135 24.82 10.09 -4.65
CA ALA A 135 24.19 10.75 -5.79
C ALA A 135 23.13 9.87 -6.45
N SER A 136 21.86 10.15 -6.18
CA SER A 136 20.76 9.38 -6.76
C SER A 136 20.02 10.21 -7.82
N VAL A 137 19.90 9.68 -9.03
CA VAL A 137 19.19 10.36 -10.10
C VAL A 137 17.85 9.62 -10.19
N VAL A 138 16.75 10.35 -10.07
CA VAL A 138 15.44 9.76 -10.08
C VAL A 138 14.68 10.05 -11.38
N CYS A 139 14.00 9.02 -11.88
CA CYS A 139 13.20 9.13 -13.08
C CYS A 139 11.76 8.64 -12.80
N PHE A 140 10.77 9.51 -12.99
CA PHE A 140 9.38 9.13 -12.81
C PHE A 140 8.73 8.97 -14.18
N LEU A 141 7.98 7.89 -14.36
CA LEU A 141 7.28 7.61 -15.62
C LEU A 141 5.84 7.64 -15.21
N ASN A 142 5.19 8.76 -15.41
CA ASN A 142 3.84 8.91 -14.95
C ASN A 142 2.67 8.69 -15.88
N ASN A 143 1.60 8.21 -15.27
CA ASN A 143 0.30 7.95 -15.87
C ASN A 143 0.24 7.27 -17.21
N PHE A 144 0.79 6.06 -17.27
CA PHE A 144 0.79 5.29 -18.51
C PHE A 144 -0.06 4.02 -18.40
N TYR A 145 -0.26 3.37 -19.54
CA TYR A 145 -1.04 2.14 -19.62
C TYR A 145 -0.82 1.49 -20.99
N PRO A 146 -0.59 0.17 -21.03
CA PRO A 146 -0.62 -0.77 -19.90
C PRO A 146 0.58 -0.67 -18.95
N LYS A 147 0.56 -1.48 -17.90
CA LYS A 147 1.60 -1.51 -16.87
C LYS A 147 3.02 -1.92 -17.34
N ASP A 148 3.06 -2.82 -18.30
CA ASP A 148 4.32 -3.31 -18.84
C ASP A 148 5.12 -2.16 -19.50
N ILE A 149 6.31 -1.91 -18.97
CA ILE A 149 7.18 -0.85 -19.46
C ILE A 149 8.61 -1.25 -19.15
N ASN A 150 9.54 -0.77 -19.97
CA ASN A 150 10.95 -1.08 -19.73
C ASN A 150 11.76 0.20 -19.61
N VAL A 151 12.62 0.31 -18.61
CA VAL A 151 13.46 1.51 -18.46
C VAL A 151 14.93 1.15 -18.55
N LYS A 152 15.70 1.96 -19.28
CA LYS A 152 17.14 1.78 -19.43
C LYS A 152 17.79 3.11 -19.10
N TRP A 153 18.83 3.06 -18.29
CA TRP A 153 19.58 4.26 -17.91
C TRP A 153 20.87 4.28 -18.76
N LYS A 154 21.25 5.46 -19.21
CA LYS A 154 22.46 5.65 -20.00
C LYS A 154 23.20 6.85 -19.42
N ILE A 155 24.52 6.71 -19.31
CA ILE A 155 25.37 7.75 -18.78
C ILE A 155 26.40 8.06 -19.86
N ASP A 156 26.28 9.23 -20.48
CA ASP A 156 27.18 9.62 -21.57
C ASP A 156 27.12 8.55 -22.66
N GLY A 157 25.92 8.08 -22.97
CA GLY A 157 25.77 7.08 -24.02
C GLY A 157 25.80 5.62 -23.58
N SER A 158 26.59 5.27 -22.58
CA SER A 158 26.65 3.87 -22.13
C SER A 158 25.56 3.43 -21.17
N GLU A 159 24.95 2.30 -21.46
CA GLU A 159 23.89 1.74 -20.62
C GLU A 159 24.50 1.37 -19.26
N ARG A 160 23.72 1.49 -18.21
CA ARG A 160 24.16 1.16 -16.87
C ARG A 160 23.03 0.35 -16.24
N GLN A 161 23.30 -0.91 -15.86
CA GLN A 161 22.26 -1.72 -15.22
C GLN A 161 22.41 -1.82 -13.69
N ASN A 162 23.61 -1.58 -13.18
CA ASN A 162 23.83 -1.68 -11.73
C ASN A 162 23.46 -0.44 -10.92
N GLY A 163 22.79 -0.65 -9.79
CA GLY A 163 22.41 0.46 -8.91
C GLY A 163 21.04 1.07 -9.22
N VAL A 164 20.24 0.37 -9.98
CA VAL A 164 18.93 0.82 -10.38
C VAL A 164 17.81 0.15 -9.56
N LEU A 165 16.98 0.94 -8.86
CA LEU A 165 15.84 0.44 -8.08
C LEU A 165 14.55 0.92 -8.75
N ASN A 166 13.70 -0.03 -9.14
CA ASN A 166 12.42 0.29 -9.80
C ASN A 166 11.24 -0.05 -8.91
N SER A 167 10.18 0.71 -9.04
CA SER A 167 8.97 0.51 -8.25
C SER A 167 7.74 1.04 -8.99
N TRP A 168 6.69 0.24 -9.05
CA TRP A 168 5.43 0.61 -9.70
C TRP A 168 4.34 0.83 -8.67
N THR A 169 3.39 1.69 -8.99
CA THR A 169 2.27 1.91 -8.10
C THR A 169 1.26 0.85 -8.57
N ASP A 170 0.17 0.74 -7.84
CA ASP A 170 -0.94 -0.16 -8.20
C ASP A 170 -1.75 0.74 -9.13
N GLN A 171 -2.76 0.18 -9.77
CA GLN A 171 -3.61 0.93 -10.69
C GLN A 171 -4.34 2.04 -9.95
N ASP A 172 -4.27 3.23 -10.53
CA ASP A 172 -4.89 4.42 -9.98
C ASP A 172 -6.42 4.25 -9.93
N SER A 173 -7.04 4.59 -8.81
CA SER A 173 -8.49 4.43 -8.70
C SER A 173 -9.33 5.51 -9.39
N LYS A 174 -8.68 6.53 -9.95
CA LYS A 174 -9.37 7.61 -10.67
C LYS A 174 -9.21 7.51 -12.20
N ASP A 175 -7.98 7.44 -12.71
CA ASP A 175 -7.78 7.33 -14.16
C ASP A 175 -7.34 5.94 -14.66
N SER A 176 -7.16 5.01 -13.72
CA SER A 176 -6.80 3.65 -14.05
C SER A 176 -5.43 3.43 -14.67
N THR A 177 -4.51 4.37 -14.47
CA THR A 177 -3.18 4.21 -15.04
C THR A 177 -2.20 3.75 -13.97
N TYR A 178 -0.96 3.52 -14.40
CA TYR A 178 0.12 3.09 -13.53
C TYR A 178 1.19 4.17 -13.63
N SER A 179 2.11 4.16 -12.68
CA SER A 179 3.23 5.08 -12.65
C SER A 179 4.37 4.23 -12.17
N MET A 180 5.60 4.64 -12.48
CA MET A 180 6.78 3.91 -12.08
C MET A 180 7.88 4.87 -11.65
N SER A 181 8.74 4.43 -10.73
CA SER A 181 9.83 5.25 -10.24
C SER A 181 11.10 4.43 -10.40
N SER A 182 12.12 5.04 -11.00
CA SER A 182 13.38 4.37 -11.22
C SER A 182 14.52 5.24 -10.69
N THR A 183 15.26 4.71 -9.74
CA THR A 183 16.36 5.44 -9.12
C THR A 183 17.68 4.81 -9.46
N LEU A 184 18.60 5.63 -9.95
CA LEU A 184 19.94 5.18 -10.27
C LEU A 184 20.80 5.74 -9.17
N THR A 185 21.47 4.90 -8.41
CA THR A 185 22.33 5.40 -7.33
C THR A 185 23.80 5.23 -7.67
N LEU A 186 24.55 6.31 -7.48
CA LEU A 186 25.99 6.38 -7.77
C LEU A 186 26.66 7.07 -6.59
N THR A 187 27.98 7.10 -6.62
CA THR A 187 28.71 7.79 -5.59
C THR A 187 28.83 9.22 -6.14
N LYS A 188 29.07 10.20 -5.27
CA LYS A 188 29.20 11.56 -5.76
C LYS A 188 30.31 11.62 -6.83
N ASP A 189 31.40 10.90 -6.59
CA ASP A 189 32.53 10.88 -7.52
C ASP A 189 32.14 10.41 -8.92
N GLU A 190 31.42 9.28 -9.05
CA GLU A 190 31.03 8.80 -10.38
C GLU A 190 30.09 9.80 -11.08
N TYR A 191 29.19 10.39 -10.30
CA TYR A 191 28.24 11.35 -10.83
C TYR A 191 28.93 12.54 -11.48
N GLU A 192 29.88 13.14 -10.76
CA GLU A 192 30.61 14.30 -11.23
C GLU A 192 31.61 14.08 -12.36
N ARG A 193 31.86 12.82 -12.68
CA ARG A 193 32.78 12.46 -13.77
C ARG A 193 32.02 12.38 -15.09
N HIS A 194 30.70 12.48 -15.05
CA HIS A 194 29.90 12.40 -16.28
C HIS A 194 29.03 13.62 -16.58
N ASN A 195 28.45 13.66 -17.77
CA ASN A 195 27.65 14.82 -18.12
C ASN A 195 26.19 14.62 -18.48
N SER A 196 25.90 13.56 -19.23
CA SER A 196 24.53 13.29 -19.66
C SER A 196 23.97 12.06 -18.96
N TYR A 197 22.74 12.20 -18.49
CA TYR A 197 22.02 11.13 -17.78
C TYR A 197 20.73 10.98 -18.52
N THR A 198 20.51 9.79 -19.05
CA THR A 198 19.34 9.48 -19.83
C THR A 198 18.48 8.34 -19.30
N CYS A 199 17.18 8.63 -19.21
CA CYS A 199 16.17 7.71 -18.77
C CYS A 199 15.32 7.43 -20.04
N GLU A 200 15.40 6.20 -20.56
CA GLU A 200 14.65 5.78 -21.74
C GLU A 200 13.59 4.77 -21.35
N ALA A 201 12.42 4.87 -21.96
CA ALA A 201 11.32 3.98 -21.68
C ALA A 201 10.80 3.34 -22.96
N THR A 202 10.64 2.02 -22.92
CA THR A 202 10.08 1.29 -24.04
C THR A 202 8.67 0.94 -23.58
N HIS A 203 7.68 1.38 -24.35
CA HIS A 203 6.27 1.15 -24.02
C HIS A 203 5.55 0.88 -25.31
N LYS A 204 4.47 0.10 -25.26
CA LYS A 204 3.74 -0.25 -26.47
C LYS A 204 3.14 0.93 -27.21
N THR A 205 3.00 2.07 -26.53
CA THR A 205 2.41 3.26 -27.14
C THR A 205 3.32 3.95 -28.15
N SER A 206 4.57 3.50 -28.23
CA SER A 206 5.49 4.11 -29.15
C SER A 206 6.44 3.11 -29.82
N THR A 207 6.70 3.37 -31.10
CA THR A 207 7.61 2.59 -31.95
C THR A 207 9.04 2.65 -31.38
N SER A 208 9.49 3.83 -30.98
CA SER A 208 10.83 3.93 -30.42
C SER A 208 10.75 4.41 -28.97
N PRO A 209 11.86 4.29 -28.24
CA PRO A 209 11.79 4.68 -26.84
C PRO A 209 11.57 6.16 -26.65
N ILE A 210 10.87 6.47 -25.56
CA ILE A 210 10.56 7.82 -25.15
C ILE A 210 11.75 8.14 -24.24
N VAL A 211 12.52 9.17 -24.57
CA VAL A 211 13.68 9.47 -23.76
C VAL A 211 13.71 10.87 -23.11
N LYS A 212 14.27 10.91 -21.90
CA LYS A 212 14.41 12.15 -21.16
C LYS A 212 15.86 12.18 -20.68
N SER A 213 16.57 13.21 -21.09
CA SER A 213 17.96 13.34 -20.71
C SER A 213 18.15 14.61 -19.91
N PHE A 214 19.30 14.66 -19.26
CA PHE A 214 19.68 15.79 -18.45
C PHE A 214 21.19 15.94 -18.57
N ASN A 215 21.64 17.15 -18.88
CA ASN A 215 23.06 17.45 -18.99
C ASN A 215 23.44 18.35 -17.79
N ARG A 216 24.52 18.01 -17.09
CA ARG A 216 24.96 18.82 -15.97
C ARG A 216 25.52 20.16 -16.53
N ASN A 217 25.48 21.21 -15.72
CA ASN A 217 25.97 22.55 -16.12
C ASN A 217 25.26 23.05 -17.39
N GLU A 218 23.96 22.80 -17.47
CA GLU A 218 23.21 23.25 -18.62
C GLU A 218 22.08 24.17 -18.18
N CYS A 219 21.37 23.82 -17.11
CA CYS A 219 20.27 24.64 -16.65
C CYS A 219 20.54 25.45 -15.38
N LYS B 1 -14.61 1.15 7.87
CA LYS B 1 -14.01 2.52 8.01
C LYS B 1 -12.95 2.41 9.10
N VAL B 2 -11.88 3.20 9.01
CA VAL B 2 -10.80 3.13 10.01
C VAL B 2 -11.09 4.02 11.23
N LYS B 3 -11.58 3.42 12.30
CA LYS B 3 -11.91 4.17 13.53
C LYS B 3 -11.14 3.71 14.79
N LEU B 4 -10.28 2.71 14.61
CA LEU B 4 -9.47 2.16 15.71
C LEU B 4 -8.00 2.51 15.53
N GLN B 5 -7.31 2.77 16.64
CA GLN B 5 -5.90 3.09 16.60
C GLN B 5 -5.14 1.86 17.08
N GLN B 6 -4.17 1.43 16.28
CA GLN B 6 -3.33 0.31 16.62
C GLN B 6 -1.93 0.82 16.89
N SER B 7 -1.19 0.06 17.68
CA SER B 7 0.19 0.40 18.03
C SER B 7 1.04 0.55 16.76
N GLY B 8 2.17 1.23 16.88
CA GLY B 8 3.02 1.45 15.73
C GLY B 8 3.77 0.18 15.35
N ALA B 9 4.40 0.23 14.17
CA ALA B 9 5.20 -0.88 13.62
C ALA B 9 6.13 -1.45 14.68
N GLU B 10 6.43 -2.74 14.57
CA GLU B 10 7.33 -3.43 15.49
C GLU B 10 8.40 -4.17 14.74
N LEU B 11 9.61 -4.11 15.27
CA LEU B 11 10.77 -4.84 14.73
C LEU B 11 11.16 -5.68 15.95
N VAL B 12 11.15 -7.00 15.80
CA VAL B 12 11.49 -7.89 16.90
C VAL B 12 12.35 -9.05 16.39
N ARG B 13 13.25 -9.54 17.25
CA ARG B 13 14.10 -10.68 16.92
C ARG B 13 13.29 -11.98 16.86
N SER B 14 13.80 -12.94 16.10
CA SER B 14 13.21 -14.27 15.97
C SER B 14 13.28 -14.91 17.37
N GLY B 15 12.23 -15.61 17.78
CA GLY B 15 12.21 -16.25 19.08
C GLY B 15 11.66 -15.39 20.19
N ALA B 16 11.58 -14.09 19.96
CA ALA B 16 11.05 -13.20 20.97
C ALA B 16 9.51 -13.19 20.99
N SER B 17 8.98 -12.30 21.82
CA SER B 17 7.56 -12.13 21.99
C SER B 17 7.22 -10.66 21.71
N VAL B 18 5.98 -10.37 21.35
CA VAL B 18 5.56 -9.00 21.10
C VAL B 18 4.08 -8.87 21.40
N LYS B 19 3.66 -7.71 21.90
CA LYS B 19 2.26 -7.47 22.20
C LYS B 19 1.80 -6.24 21.43
N LEU B 20 0.75 -6.42 20.64
CA LEU B 20 0.15 -5.37 19.82
C LEU B 20 -1.11 -4.88 20.50
N SER B 21 -1.41 -3.60 20.39
CA SER B 21 -2.61 -3.06 21.02
C SER B 21 -3.61 -2.47 20.02
N CYS B 22 -4.85 -2.37 20.43
CA CYS B 22 -5.92 -1.86 19.60
C CYS B 22 -6.89 -1.12 20.52
N THR B 23 -7.07 0.17 20.25
CA THR B 23 -7.94 1.01 21.05
C THR B 23 -8.86 1.88 20.18
N ALA B 24 -9.85 2.51 20.79
CA ALA B 24 -10.80 3.36 20.10
C ALA B 24 -10.84 4.72 20.78
N SER B 25 -10.98 5.78 19.99
CA SER B 25 -11.04 7.12 20.54
C SER B 25 -12.43 7.60 20.92
N GLY B 26 -13.44 7.23 20.14
CA GLY B 26 -14.74 7.75 20.45
C GLY B 26 -15.76 6.85 21.10
N PHE B 27 -15.37 5.63 21.44
CA PHE B 27 -16.33 4.73 22.06
C PHE B 27 -15.64 3.70 22.94
N ASN B 28 -16.43 3.06 23.80
CA ASN B 28 -15.93 2.02 24.70
C ASN B 28 -16.01 0.66 23.95
N ILE B 29 -14.88 -0.03 23.84
CA ILE B 29 -14.83 -1.32 23.14
C ILE B 29 -15.48 -2.51 23.88
N LYS B 30 -15.73 -2.36 25.17
CA LYS B 30 -16.31 -3.44 25.97
C LYS B 30 -17.60 -4.08 25.42
N ASP B 31 -18.41 -3.31 24.68
CA ASP B 31 -19.70 -3.79 24.12
C ASP B 31 -19.68 -4.53 22.76
N TYR B 32 -18.57 -4.49 22.05
CA TYR B 32 -18.50 -5.11 20.74
C TYR B 32 -17.29 -6.01 20.69
N TYR B 33 -17.43 -7.15 20.06
CA TYR B 33 -16.30 -8.05 20.00
C TYR B 33 -15.23 -7.50 19.06
N ILE B 34 -13.99 -7.90 19.30
CA ILE B 34 -12.85 -7.50 18.50
C ILE B 34 -12.31 -8.78 17.87
N GLN B 35 -11.89 -8.71 16.62
CA GLN B 35 -11.30 -9.88 15.99
C GLN B 35 -10.00 -9.43 15.39
N TRP B 36 -9.05 -10.34 15.31
CA TRP B 36 -7.74 -10.02 14.74
C TRP B 36 -7.50 -10.74 13.41
N VAL B 37 -6.99 -9.98 12.45
CA VAL B 37 -6.70 -10.47 11.10
C VAL B 37 -5.22 -10.26 10.79
N LYS B 38 -4.63 -11.24 10.14
CA LYS B 38 -3.21 -11.20 9.78
C LYS B 38 -3.08 -11.16 8.28
N GLN B 39 -2.14 -10.37 7.78
CA GLN B 39 -1.93 -10.30 6.35
C GLN B 39 -0.45 -10.24 6.04
N ARG B 40 0.06 -11.34 5.48
CA ARG B 40 1.46 -11.44 5.10
C ARG B 40 1.69 -10.71 3.80
N PRO B 41 2.91 -10.16 3.63
CA PRO B 41 3.25 -9.38 2.43
C PRO B 41 2.84 -10.10 1.15
N GLU B 42 1.86 -9.50 0.46
CA GLU B 42 1.35 -9.99 -0.82
C GLU B 42 0.49 -11.25 -0.79
N GLN B 43 -0.08 -11.55 0.38
CA GLN B 43 -0.94 -12.71 0.50
C GLN B 43 -2.30 -12.26 1.02
N GLY B 44 -3.25 -13.20 1.08
CA GLY B 44 -4.59 -12.88 1.55
C GLY B 44 -4.68 -12.63 3.04
N LEU B 45 -5.91 -12.58 3.54
CA LEU B 45 -6.18 -12.34 4.94
C LEU B 45 -6.36 -13.65 5.70
N GLU B 46 -5.85 -13.67 6.94
CA GLU B 46 -5.95 -14.82 7.83
C GLU B 46 -6.64 -14.41 9.12
N TRP B 47 -7.63 -15.17 9.56
CA TRP B 47 -8.34 -14.89 10.79
C TRP B 47 -7.63 -15.57 11.97
N ILE B 48 -7.21 -14.77 12.96
CA ILE B 48 -6.53 -15.25 14.14
C ILE B 48 -7.52 -15.78 15.21
N GLY B 49 -8.55 -14.98 15.49
CA GLY B 49 -9.56 -15.31 16.48
C GLY B 49 -10.26 -14.03 16.94
N TRP B 50 -11.14 -14.14 17.92
CA TRP B 50 -11.83 -12.96 18.40
C TRP B 50 -11.97 -12.97 19.91
N ILE B 51 -12.38 -11.85 20.47
CA ILE B 51 -12.49 -11.72 21.92
C ILE B 51 -13.64 -10.80 22.33
N ASP B 52 -14.28 -11.15 23.44
CA ASP B 52 -15.34 -10.33 24.00
C ASP B 52 -14.62 -9.45 25.02
N PRO B 53 -14.48 -8.15 24.72
CA PRO B 53 -13.54 -7.37 25.51
C PRO B 53 -14.02 -7.14 26.96
N GLU B 54 -15.33 -7.15 27.17
CA GLU B 54 -15.86 -6.91 28.51
C GLU B 54 -15.26 -7.85 29.55
N ASN B 55 -15.21 -9.14 29.23
CA ASN B 55 -14.70 -10.13 30.15
C ASN B 55 -13.45 -10.86 29.68
N GLY B 56 -12.92 -10.46 28.52
CA GLY B 56 -11.71 -11.06 27.98
C GLY B 56 -11.83 -12.48 27.44
N ASN B 57 -13.02 -13.06 27.45
CA ASN B 57 -13.24 -14.42 26.95
C ASN B 57 -13.03 -14.48 25.44
N SER B 58 -12.16 -15.38 24.98
CA SER B 58 -11.85 -15.44 23.57
C SER B 58 -11.79 -16.84 22.96
N GLU B 59 -11.62 -16.89 21.63
CA GLU B 59 -11.50 -18.12 20.86
C GLU B 59 -10.47 -17.90 19.78
N TYR B 60 -9.57 -18.85 19.62
CA TYR B 60 -8.53 -18.76 18.61
C TYR B 60 -8.70 -19.83 17.55
N ALA B 61 -8.22 -19.50 16.35
CA ALA B 61 -8.25 -20.43 15.23
C ALA B 61 -7.19 -21.44 15.63
N PRO B 62 -7.43 -22.73 15.34
CA PRO B 62 -6.51 -23.84 15.60
C PRO B 62 -5.04 -23.52 15.36
N ARG B 63 -4.73 -22.98 14.17
CA ARG B 63 -3.36 -22.66 13.81
C ARG B 63 -2.67 -21.62 14.70
N PHE B 64 -3.45 -20.84 15.45
CA PHE B 64 -2.86 -19.83 16.32
C PHE B 64 -2.92 -20.16 17.81
N GLN B 65 -3.54 -21.28 18.18
CA GLN B 65 -3.65 -21.67 19.60
C GLN B 65 -2.22 -21.91 20.06
N GLY B 66 -1.86 -21.40 21.23
CA GLY B 66 -0.49 -21.59 21.69
C GLY B 66 0.56 -20.59 21.17
N LYS B 67 0.28 -19.92 20.04
CA LYS B 67 1.16 -18.89 19.46
C LYS B 67 0.65 -17.50 19.89
N ALA B 68 -0.67 -17.30 19.85
CA ALA B 68 -1.30 -16.03 20.19
C ALA B 68 -2.07 -16.03 21.51
N THR B 69 -2.04 -14.90 22.20
CA THR B 69 -2.78 -14.73 23.46
C THR B 69 -3.52 -13.39 23.39
N MET B 70 -4.83 -13.45 23.60
CA MET B 70 -5.66 -12.25 23.55
C MET B 70 -6.21 -11.87 24.92
N THR B 71 -6.06 -10.58 25.28
CA THR B 71 -6.58 -10.01 26.53
C THR B 71 -7.21 -8.67 26.19
N ALA B 72 -7.96 -8.10 27.12
CA ALA B 72 -8.61 -6.80 26.92
C ALA B 72 -8.74 -6.09 28.27
N ASP B 73 -8.27 -4.86 28.31
CA ASP B 73 -8.34 -4.05 29.50
C ASP B 73 -9.40 -3.01 29.21
N THR B 74 -10.57 -3.19 29.80
CA THR B 74 -11.66 -2.27 29.59
C THR B 74 -11.64 -1.03 30.46
N LEU B 75 -10.64 -0.90 31.32
CA LEU B 75 -10.50 0.30 32.11
C LEU B 75 -9.77 1.28 31.21
N SER B 76 -8.83 0.79 30.40
CA SER B 76 -8.09 1.65 29.51
C SER B 76 -8.52 1.47 28.03
N ASN B 77 -9.65 0.82 27.80
CA ASN B 77 -10.23 0.66 26.47
C ASN B 77 -9.27 0.03 25.41
N THR B 78 -8.45 -0.94 25.81
CA THR B 78 -7.48 -1.54 24.91
C THR B 78 -7.55 -3.05 24.84
N ALA B 79 -7.44 -3.59 23.64
CA ALA B 79 -7.44 -5.02 23.42
C ALA B 79 -6.02 -5.35 22.99
N TYR B 80 -5.47 -6.45 23.46
CA TYR B 80 -4.11 -6.85 23.12
C TYR B 80 -4.00 -8.20 22.46
N LEU B 81 -3.01 -8.32 21.58
CA LEU B 81 -2.71 -9.56 20.89
C LEU B 81 -1.23 -9.80 21.13
N GLN B 82 -0.91 -10.76 21.97
CA GLN B 82 0.48 -11.09 22.23
C GLN B 82 0.86 -12.34 21.41
N LEU B 83 1.96 -12.25 20.67
CA LEU B 83 2.46 -13.36 19.84
C LEU B 83 3.78 -13.82 20.46
N SER B 84 3.98 -15.14 20.58
CA SER B 84 5.21 -15.67 21.17
C SER B 84 6.06 -16.49 20.21
N SER B 85 7.36 -16.64 20.54
CA SER B 85 8.33 -17.37 19.70
C SER B 85 8.12 -17.10 18.21
N LEU B 86 8.33 -15.82 17.85
CA LEU B 86 8.18 -15.30 16.51
C LEU B 86 9.15 -15.90 15.47
N THR B 87 8.68 -16.11 14.24
CA THR B 87 9.54 -16.64 13.18
C THR B 87 9.29 -15.74 11.96
N SER B 88 10.07 -15.93 10.89
CA SER B 88 9.90 -15.12 9.68
C SER B 88 8.44 -15.21 9.20
N GLU B 89 7.78 -16.33 9.51
CA GLU B 89 6.39 -16.55 9.12
C GLU B 89 5.40 -15.57 9.77
N ASP B 90 5.82 -14.96 10.88
CA ASP B 90 5.00 -14.02 11.62
C ASP B 90 5.08 -12.58 11.08
N THR B 91 6.02 -12.35 10.16
CA THR B 91 6.17 -11.03 9.55
C THR B 91 4.89 -10.75 8.74
N ALA B 92 4.14 -9.74 9.16
CA ALA B 92 2.91 -9.40 8.49
C ALA B 92 2.32 -8.12 9.05
N VAL B 93 1.19 -7.73 8.47
CA VAL B 93 0.44 -6.58 8.94
C VAL B 93 -0.71 -7.22 9.73
N TYR B 94 -1.00 -6.69 10.92
CA TYR B 94 -2.07 -7.21 11.75
C TYR B 94 -3.13 -6.12 11.94
N TYR B 95 -4.38 -6.50 11.69
CA TYR B 95 -5.51 -5.61 11.84
C TYR B 95 -6.47 -6.07 12.93
N CYS B 96 -7.05 -5.13 13.65
CA CYS B 96 -8.09 -5.46 14.61
C CYS B 96 -9.32 -4.87 13.97
N ASN B 97 -10.46 -5.42 14.32
CA ASN B 97 -11.71 -4.99 13.74
C ASN B 97 -12.77 -5.14 14.83
N ALA B 98 -13.64 -4.14 14.95
CA ALA B 98 -14.68 -4.13 15.95
C ALA B 98 -16.04 -4.40 15.32
N ASP B 99 -16.91 -5.05 16.07
CA ASP B 99 -18.25 -5.37 15.61
C ASP B 99 -19.21 -4.17 15.74
N LEU B 100 -18.77 -3.02 15.27
CA LEU B 100 -19.59 -1.82 15.31
C LEU B 100 -19.29 -1.11 14.02
N HIS B 101 -20.32 -0.94 13.18
CA HIS B 101 -20.20 -0.23 11.89
C HIS B 101 -18.95 -0.60 11.10
N ASP B 102 -18.53 -1.85 11.15
CA ASP B 102 -17.34 -2.24 10.41
C ASP B 102 -16.12 -1.30 10.64
N TYR B 103 -15.75 -1.15 11.90
CA TYR B 103 -14.61 -0.32 12.22
C TYR B 103 -13.36 -1.17 12.22
N TRP B 104 -12.31 -0.66 11.60
CA TRP B 104 -11.03 -1.32 11.48
C TRP B 104 -9.93 -0.44 12.03
N GLY B 105 -8.84 -1.06 12.41
CA GLY B 105 -7.71 -0.28 12.86
C GLY B 105 -6.93 -0.04 11.58
N GLN B 106 -5.86 0.73 11.66
CA GLN B 106 -5.05 1.03 10.50
C GLN B 106 -3.98 -0.05 10.20
N GLY B 107 -3.81 -1.01 11.12
CA GLY B 107 -2.83 -2.06 10.92
C GLY B 107 -1.49 -1.79 11.60
N THR B 108 -0.84 -2.86 12.05
CA THR B 108 0.47 -2.76 12.69
C THR B 108 1.38 -3.68 11.89
N THR B 109 2.46 -3.13 11.37
CA THR B 109 3.42 -3.93 10.61
C THR B 109 4.45 -4.50 11.57
N LEU B 110 4.54 -5.82 11.62
CA LEU B 110 5.50 -6.52 12.47
C LEU B 110 6.54 -7.15 11.55
N THR B 111 7.80 -6.80 11.78
CA THR B 111 8.90 -7.35 11.01
C THR B 111 9.77 -8.18 11.95
N VAL B 112 9.88 -9.47 11.67
CA VAL B 112 10.71 -10.36 12.49
C VAL B 112 12.06 -10.38 11.76
N SER B 113 13.06 -9.75 12.35
CA SER B 113 14.36 -9.63 11.72
C SER B 113 15.40 -9.29 12.77
N SER B 114 16.63 -9.67 12.54
CA SER B 114 17.71 -9.34 13.47
C SER B 114 18.53 -8.14 12.92
N ALA B 115 18.00 -7.49 11.89
CA ALA B 115 18.63 -6.34 11.27
C ALA B 115 18.38 -5.12 12.17
N LYS B 116 19.18 -4.08 12.03
CA LYS B 116 19.01 -2.91 12.91
C LYS B 116 18.04 -1.85 12.38
N THR B 117 17.31 -1.21 13.30
CA THR B 117 16.40 -0.11 12.93
C THR B 117 17.36 0.99 12.43
N THR B 118 17.05 1.53 11.24
CA THR B 118 17.86 2.60 10.61
C THR B 118 16.91 3.69 10.07
N ALA B 119 17.12 4.94 10.49
CA ALA B 119 16.25 6.03 10.05
C ALA B 119 16.54 6.45 8.60
N PRO B 120 15.51 6.92 7.88
CA PRO B 120 15.69 7.33 6.50
C PRO B 120 16.34 8.70 6.38
N SER B 121 16.97 8.93 5.23
CA SER B 121 17.55 10.21 4.87
C SER B 121 16.52 10.72 3.86
N VAL B 122 15.94 11.89 4.08
CA VAL B 122 14.94 12.39 3.13
C VAL B 122 15.50 13.50 2.22
N TYR B 123 15.26 13.39 0.92
CA TYR B 123 15.76 14.36 -0.03
C TYR B 123 14.66 14.93 -0.91
N PRO B 124 14.55 16.26 -1.01
CA PRO B 124 13.60 17.01 -1.83
C PRO B 124 14.06 16.98 -3.28
N LEU B 125 13.12 16.75 -4.20
CA LEU B 125 13.45 16.67 -5.61
C LEU B 125 12.73 17.77 -6.39
N ALA B 126 13.46 18.85 -6.67
CA ALA B 126 12.94 20.00 -7.40
C ALA B 126 13.25 19.83 -8.89
N PRO B 127 12.31 20.24 -9.76
CA PRO B 127 12.46 20.03 -11.20
C PRO B 127 13.52 20.95 -11.79
N VAL B 128 14.17 20.50 -12.84
CA VAL B 128 15.19 21.31 -13.49
C VAL B 128 14.76 21.75 -14.88
N CYS B 129 15.48 22.73 -15.42
CA CYS B 129 15.25 23.24 -16.76
C CYS B 129 13.83 23.75 -17.07
N GLY B 130 13.09 24.13 -16.04
CA GLY B 130 11.76 24.62 -16.24
C GLY B 130 10.74 23.57 -16.69
N ASP B 131 11.07 22.29 -16.52
CA ASP B 131 10.17 21.20 -16.95
C ASP B 131 8.75 21.30 -16.40
N THR B 132 7.78 21.20 -17.30
CA THR B 132 6.36 21.21 -16.99
C THR B 132 5.67 20.36 -18.05
N THR B 133 4.50 19.82 -17.73
CA THR B 133 3.72 19.07 -18.71
C THR B 133 2.33 19.68 -18.62
N GLY B 134 1.86 20.19 -19.76
CA GLY B 134 0.61 20.88 -19.79
C GLY B 134 1.00 22.10 -18.96
N SER B 135 0.22 22.45 -17.95
CA SER B 135 0.63 23.59 -17.16
C SER B 135 0.87 23.11 -15.72
N SER B 136 1.44 21.93 -15.57
CA SER B 136 1.68 21.44 -14.22
C SER B 136 3.14 21.06 -14.01
N VAL B 137 3.57 21.12 -12.75
CA VAL B 137 4.93 20.77 -12.40
C VAL B 137 4.92 19.54 -11.46
N THR B 138 5.88 18.66 -11.64
CA THR B 138 5.97 17.48 -10.79
C THR B 138 7.17 17.61 -9.86
N LEU B 139 6.92 17.45 -8.57
CA LEU B 139 7.96 17.55 -7.56
C LEU B 139 8.09 16.15 -6.96
N GLY B 140 9.20 15.89 -6.30
CA GLY B 140 9.40 14.57 -5.77
C GLY B 140 10.07 14.59 -4.42
N CYS B 141 10.09 13.41 -3.81
CA CYS B 141 10.67 13.25 -2.50
C CYS B 141 11.24 11.85 -2.41
N LEU B 142 12.52 11.76 -2.08
CA LEU B 142 13.27 10.51 -1.94
C LEU B 142 13.48 10.16 -0.47
N VAL B 143 13.02 8.99 -0.05
CA VAL B 143 13.17 8.51 1.33
C VAL B 143 14.10 7.31 1.18
N LYS B 144 15.36 7.49 1.56
CA LYS B 144 16.37 6.48 1.32
C LYS B 144 17.10 5.83 2.50
N GLY B 145 17.14 4.50 2.48
CA GLY B 145 17.86 3.75 3.50
C GLY B 145 17.31 3.61 4.90
N TYR B 146 16.07 3.20 5.02
CA TYR B 146 15.47 3.00 6.33
C TYR B 146 15.11 1.52 6.55
N PHE B 147 14.92 1.16 7.81
CA PHE B 147 14.50 -0.19 8.17
C PHE B 147 13.91 -0.11 9.57
N PRO B 148 12.80 -0.81 9.83
CA PRO B 148 11.96 -1.55 8.88
C PRO B 148 10.86 -0.66 8.37
N GLU B 149 9.90 -1.28 7.69
CA GLU B 149 8.71 -0.62 7.19
C GLU B 149 7.86 -0.38 8.45
N PRO B 150 6.85 0.50 8.38
CA PRO B 150 6.62 1.41 7.24
C PRO B 150 7.11 2.85 7.45
N VAL B 151 6.94 3.63 6.40
CA VAL B 151 7.28 5.04 6.41
C VAL B 151 5.98 5.72 5.95
N THR B 152 5.54 6.74 6.67
CA THR B 152 4.33 7.49 6.29
C THR B 152 4.83 8.76 5.61
N LEU B 153 4.34 9.01 4.40
CA LEU B 153 4.74 10.18 3.64
C LEU B 153 3.51 10.99 3.25
N THR B 154 3.51 12.28 3.58
CA THR B 154 2.39 13.14 3.20
C THR B 154 2.93 14.40 2.54
N TRP B 155 2.06 15.12 1.84
CA TRP B 155 2.43 16.37 1.21
C TRP B 155 1.60 17.47 1.84
N ASN B 156 2.30 18.50 2.32
CA ASN B 156 1.66 19.65 2.98
C ASN B 156 0.75 19.17 4.12
N SER B 157 1.34 18.30 4.95
CA SER B 157 0.69 17.69 6.11
C SER B 157 -0.58 16.89 5.81
N GLY B 158 -0.78 16.54 4.53
CA GLY B 158 -1.96 15.78 4.17
C GLY B 158 -3.02 16.51 3.36
N SER B 159 -2.98 17.84 3.33
CA SER B 159 -3.97 18.63 2.58
C SER B 159 -3.79 18.44 1.07
N LEU B 160 -2.54 18.30 0.66
CA LEU B 160 -2.21 18.10 -0.73
C LEU B 160 -2.38 16.60 -0.95
N SER B 161 -3.59 16.18 -1.30
CA SER B 161 -3.87 14.76 -1.52
C SER B 161 -4.02 14.33 -2.99
N SER B 162 -4.53 15.19 -3.86
CA SER B 162 -4.67 14.86 -5.29
C SER B 162 -3.35 15.02 -6.07
N GLY B 163 -3.15 14.15 -7.07
CA GLY B 163 -1.96 14.24 -7.89
C GLY B 163 -0.68 13.71 -7.26
N VAL B 164 -0.85 12.89 -6.22
CA VAL B 164 0.24 12.27 -5.46
C VAL B 164 0.43 10.81 -5.89
N HIS B 165 1.69 10.38 -6.06
CA HIS B 165 1.98 8.99 -6.40
C HIS B 165 3.09 8.54 -5.48
N THR B 166 2.74 7.64 -4.56
CA THR B 166 3.72 7.12 -3.63
C THR B 166 4.05 5.70 -4.08
N PHE B 167 5.31 5.50 -4.44
CA PHE B 167 5.75 4.22 -4.94
C PHE B 167 6.12 3.26 -3.82
N PRO B 168 5.60 2.02 -3.89
CA PRO B 168 5.88 1.01 -2.88
C PRO B 168 7.39 0.94 -2.55
N ALA B 169 7.73 0.68 -1.30
CA ALA B 169 9.13 0.63 -0.90
C ALA B 169 9.83 -0.59 -1.50
N VAL B 170 11.11 -0.47 -1.82
CA VAL B 170 11.87 -1.58 -2.37
C VAL B 170 13.06 -1.93 -1.46
N LEU B 171 13.17 -3.20 -1.10
CA LEU B 171 14.22 -3.71 -0.23
C LEU B 171 15.47 -4.05 -1.04
N GLN B 172 16.59 -3.54 -0.56
CA GLN B 172 17.89 -3.75 -1.18
C GLN B 172 18.95 -3.74 -0.08
N SER B 173 19.55 -4.90 0.19
CA SER B 173 20.60 -5.01 1.22
C SER B 173 20.16 -4.57 2.62
N ASP B 174 19.03 -5.09 3.08
CA ASP B 174 18.49 -4.78 4.41
C ASP B 174 18.00 -3.34 4.63
N LEU B 175 17.96 -2.55 3.57
CA LEU B 175 17.49 -1.18 3.67
C LEU B 175 16.48 -0.94 2.58
N TYR B 176 15.43 -0.20 2.93
CA TYR B 176 14.38 0.15 2.00
C TYR B 176 14.59 1.54 1.44
N THR B 177 14.04 1.74 0.24
CA THR B 177 14.04 3.02 -0.44
C THR B 177 12.60 3.24 -0.94
N LEU B 178 12.10 4.45 -0.74
CA LEU B 178 10.76 4.79 -1.17
C LEU B 178 10.79 6.19 -1.79
N SER B 179 9.92 6.44 -2.76
CA SER B 179 9.87 7.76 -3.39
C SER B 179 8.42 8.15 -3.62
N SER B 180 8.18 9.45 -3.73
CA SER B 180 6.85 9.99 -3.96
C SER B 180 6.90 11.20 -4.87
N SER B 181 5.89 11.33 -5.72
CA SER B 181 5.82 12.49 -6.58
C SER B 181 4.45 13.17 -6.41
N VAL B 182 4.43 14.48 -6.56
CA VAL B 182 3.19 15.25 -6.46
C VAL B 182 3.17 16.16 -7.69
N THR B 183 2.03 16.20 -8.36
CA THR B 183 1.89 17.09 -9.50
C THR B 183 0.92 18.20 -9.12
N VAL B 184 1.36 19.46 -9.26
CA VAL B 184 0.52 20.63 -8.96
C VAL B 184 0.53 21.60 -10.16
N THR B 185 -0.46 22.47 -10.28
CA THR B 185 -0.48 23.44 -11.37
C THR B 185 0.73 24.37 -11.16
N SER B 186 1.35 24.86 -12.23
CA SER B 186 2.54 25.70 -12.06
C SER B 186 2.31 27.06 -11.40
N SER B 187 1.04 27.40 -11.13
CA SER B 187 0.70 28.68 -10.49
C SER B 187 0.99 28.58 -8.99
N THR B 188 0.90 27.34 -8.49
CA THR B 188 1.10 26.98 -7.08
C THR B 188 2.55 26.98 -6.58
N TRP B 189 3.46 26.33 -7.29
CA TRP B 189 4.86 26.26 -6.85
C TRP B 189 5.74 26.97 -7.88
N PRO B 190 6.78 27.69 -7.43
CA PRO B 190 7.27 27.83 -6.06
C PRO B 190 6.63 28.98 -5.24
N SER B 191 5.58 29.59 -5.77
CA SER B 191 4.91 30.69 -5.05
C SER B 191 4.45 30.24 -3.67
N GLN B 192 3.86 29.04 -3.61
CA GLN B 192 3.38 28.44 -2.36
C GLN B 192 4.36 27.33 -2.04
N SER B 193 4.59 27.15 -0.76
CA SER B 193 5.51 26.11 -0.28
C SER B 193 4.95 24.70 -0.42
N ILE B 194 5.83 23.77 -0.81
CA ILE B 194 5.45 22.37 -0.91
C ILE B 194 6.42 21.63 0.02
N THR B 195 5.89 20.96 1.04
CA THR B 195 6.71 20.23 2.01
C THR B 195 6.41 18.73 1.98
N CYS B 196 7.47 17.94 1.95
CA CYS B 196 7.36 16.48 1.97
C CYS B 196 7.47 16.07 3.45
N ASN B 197 6.41 15.53 4.04
CA ASN B 197 6.44 15.13 5.47
C ASN B 197 6.64 13.61 5.59
N VAL B 198 7.72 13.21 6.26
CA VAL B 198 8.06 11.80 6.40
C VAL B 198 8.16 11.34 7.86
N ALA B 199 7.44 10.29 8.22
CA ALA B 199 7.50 9.75 9.59
C ALA B 199 7.86 8.28 9.55
N HIS B 200 8.87 7.91 10.32
CA HIS B 200 9.32 6.51 10.42
C HIS B 200 9.12 6.10 11.87
N PRO B 201 7.94 5.52 12.19
CA PRO B 201 7.57 5.19 13.57
C PRO B 201 8.60 4.32 14.31
N ALA B 202 9.10 3.26 13.65
CA ALA B 202 10.08 2.36 14.26
C ALA B 202 11.32 3.06 14.85
N SER B 203 11.72 4.19 14.27
CA SER B 203 12.87 4.91 14.82
C SER B 203 12.34 6.22 15.37
N SER B 204 11.01 6.31 15.40
CA SER B 204 10.28 7.51 15.84
C SER B 204 10.84 8.82 15.23
N THR B 205 11.25 8.73 13.94
CA THR B 205 11.79 9.85 13.15
C THR B 205 10.66 10.59 12.40
N LYS B 206 10.73 11.92 12.40
CA LYS B 206 9.78 12.78 11.71
C LYS B 206 10.62 13.85 11.00
N VAL B 207 10.37 14.03 9.70
CA VAL B 207 11.12 14.98 8.90
C VAL B 207 10.24 15.67 7.87
N ASP B 208 10.43 16.98 7.74
CA ASP B 208 9.72 17.78 6.76
C ASP B 208 10.84 18.42 5.97
N LYS B 209 10.80 18.26 4.65
CA LYS B 209 11.79 18.85 3.76
C LYS B 209 10.98 19.69 2.77
N LYS B 210 11.32 20.96 2.69
CA LYS B 210 10.62 21.89 1.80
C LYS B 210 11.28 21.72 0.45
N ILE B 211 10.47 21.63 -0.59
CA ILE B 211 11.02 21.50 -1.93
C ILE B 211 11.23 22.91 -2.46
N GLU B 212 12.48 23.34 -2.53
CA GLU B 212 12.79 24.66 -3.06
C GLU B 212 13.37 24.65 -4.47
N PRO B 213 13.25 25.78 -5.20
CA PRO B 213 13.80 25.87 -6.56
C PRO B 213 15.30 25.61 -6.55
N ARG B 214 15.76 24.95 -7.60
CA ARG B 214 17.17 24.62 -7.75
C ARG B 214 18.05 25.84 -7.99
N VAL B 215 19.32 25.69 -7.63
CA VAL B 215 20.30 26.71 -7.95
C VAL B 215 20.84 26.05 -9.24
N THR B 216 21.91 26.57 -9.80
CA THR B 216 22.46 25.99 -11.03
C THR B 216 22.85 24.49 -10.84
N SER B 217 22.47 23.61 -11.78
CA SER B 217 22.79 22.18 -11.66
C SER B 217 23.80 21.71 -12.73
#